data_9QN6
#
_entry.id   9QN6
#
_cell.length_a   76.310
_cell.length_b   65.390
_cell.length_c   77.420
_cell.angle_alpha   90.00
_cell.angle_beta   91.39
_cell.angle_gamma   90.00
#
_symmetry.space_group_name_H-M   'P 1 21 1'
#
loop_
_entity.id
_entity.type
_entity.pdbx_description
1 polymer "APH(2'')-Id"
2 non-polymer 1~{H}-pyrrolo[2,3-b]pyridin-3-ylmethanol
3 non-polymer 'DIMETHYL SULFOXIDE'
4 water water
#
_entity_poly.entity_id   1
_entity_poly.type   'polypeptide(L)'
_entity_poly.pdbx_seq_one_letter_code
;MGSSHHHHHHSSGLVPRGSHMRTYTFDQVEKAIEQLYPDFTINTIEISGEGNDCIAYEINRDFIFKFPKHSRGSTNLFNE
VNILKRIHNKLPLPIPEVVFTGMPSETYQMSFAGFTKIKGVPLTPLLLNNLPKQSQNQAAKDLARFLSELHSINISGFKS
NLVLDFREKINEDNKKIKKLLSRELKGPQMKKVDDFYRDILENEIYFKYYPCLIHNDFSSDHILFDTEKNTICGIIDFGD
AAISDPDNDFISLMEDDEEYGMEFVSKILNHYKHKDIPTVLEKYRMKEKYWSFEKIIYGKEYGYMDWYEEGLNEIRSIKI
K
;
_entity_poly.pdbx_strand_id   A,B
#
loop_
_chem_comp.id
_chem_comp.type
_chem_comp.name
_chem_comp.formula
A1I7W non-polymer 1~{H}-pyrrolo[2,3-b]pyridin-3-ylmethanol 'C8 H8 N2 O'
DMS non-polymer 'DIMETHYL SULFOXIDE' 'C2 H6 O S'
#
# COMPACT_ATOMS: atom_id res chain seq x y z
N MET A 21 25.55 14.94 -28.97
CA MET A 21 24.49 15.20 -27.99
C MET A 21 23.67 16.43 -28.38
N ARG A 22 22.35 16.31 -28.21
CA ARG A 22 21.44 17.42 -28.43
C ARG A 22 20.78 17.82 -27.11
N THR A 23 20.16 19.00 -27.13
CA THR A 23 19.68 19.66 -25.92
C THR A 23 18.25 20.15 -26.13
N TYR A 24 17.55 20.37 -25.01
CA TYR A 24 16.21 20.95 -25.06
C TYR A 24 16.02 22.00 -23.97
N THR A 25 15.32 23.06 -24.32
CA THR A 25 14.81 23.97 -23.31
C THR A 25 13.42 23.50 -22.87
N PHE A 26 12.96 24.05 -21.73
CA PHE A 26 11.61 23.72 -21.28
C PHE A 26 10.57 24.12 -22.31
N ASP A 27 10.80 25.24 -23.01
CA ASP A 27 9.85 25.72 -24.02
C ASP A 27 9.88 24.84 -25.27
N GLN A 28 11.06 24.35 -25.66
CA GLN A 28 11.15 23.39 -26.75
C GLN A 28 10.37 22.13 -26.42
N VAL A 29 10.47 21.67 -25.17
CA VAL A 29 9.70 20.50 -24.74
C VAL A 29 8.21 20.79 -24.78
N GLU A 30 7.80 21.94 -24.24
CA GLU A 30 6.38 22.29 -24.25
C GLU A 30 5.82 22.28 -25.68
N LYS A 31 6.42 23.07 -26.57
CA LYS A 31 5.87 23.20 -27.92
C LYS A 31 6.01 21.91 -28.73
N ALA A 32 6.98 21.06 -28.39
CA ALA A 32 7.08 19.76 -29.06
C ALA A 32 5.92 18.86 -28.69
N ILE A 33 5.41 18.99 -27.47
CA ILE A 33 4.28 18.19 -27.02
C ILE A 33 2.97 18.74 -27.57
N GLU A 34 2.86 20.07 -27.63
CA GLU A 34 1.61 20.70 -28.05
C GLU A 34 1.35 20.51 -29.54
N GLN A 35 2.41 20.31 -30.33
CA GLN A 35 2.24 20.04 -31.75
C GLN A 35 1.40 18.78 -31.96
N LEU A 36 1.78 17.69 -31.28
CA LEU A 36 1.07 16.42 -31.32
C LEU A 36 -0.08 16.33 -30.34
N TYR A 37 -0.19 17.26 -29.39
CA TYR A 37 -1.29 17.24 -28.40
C TYR A 37 -1.78 18.65 -28.15
N PRO A 38 -2.63 19.17 -29.04
CA PRO A 38 -3.05 20.58 -28.95
C PRO A 38 -4.00 20.88 -27.79
N ASP A 39 -4.58 19.86 -27.17
CA ASP A 39 -5.49 20.08 -26.06
C ASP A 39 -4.82 19.91 -24.72
N PHE A 40 -3.67 19.25 -24.68
CA PHE A 40 -3.01 18.94 -23.42
C PHE A 40 -2.25 20.16 -22.93
N THR A 41 -2.65 20.67 -21.76
CA THR A 41 -2.09 21.88 -21.19
C THR A 41 -1.11 21.53 -20.08
N ILE A 42 0.10 22.08 -20.15
CA ILE A 42 1.13 21.88 -19.14
C ILE A 42 1.05 23.01 -18.12
N ASN A 43 0.92 22.66 -16.83
CA ASN A 43 0.91 23.64 -15.74
C ASN A 43 2.25 23.70 -15.01
N THR A 44 2.80 22.56 -14.61
CA THR A 44 4.15 22.48 -14.05
C THR A 44 5.03 21.59 -14.92
N ILE A 45 6.29 22.00 -15.09
CA ILE A 45 7.31 21.14 -15.67
C ILE A 45 8.66 21.40 -14.98
N GLU A 46 9.38 20.32 -14.76
CA GLU A 46 10.71 20.34 -14.18
C GLU A 46 11.40 19.10 -14.69
N ILE A 47 12.70 19.02 -14.47
CA ILE A 47 13.48 17.90 -14.92
C ILE A 47 13.56 16.84 -13.83
N SER A 48 13.11 15.65 -14.17
CA SER A 48 13.05 14.53 -13.23
C SER A 48 14.40 13.86 -13.10
N GLY A 49 15.10 13.71 -14.22
CA GLY A 49 16.41 13.08 -14.28
C GLY A 49 16.94 13.17 -15.69
N GLU A 50 18.22 12.80 -15.82
CA GLU A 50 18.87 12.72 -17.13
C GLU A 50 19.83 11.54 -17.13
N GLY A 51 19.78 10.77 -18.20
CA GLY A 51 20.69 9.64 -18.39
C GLY A 51 21.44 9.77 -19.70
N ASN A 52 21.85 8.65 -20.27
CA ASN A 52 22.70 8.74 -21.46
C ASN A 52 21.91 8.83 -22.76
N ASP A 53 20.66 8.35 -22.76
CA ASP A 53 19.79 8.34 -23.94
C ASP A 53 18.78 9.48 -23.95
N CYS A 54 18.08 9.68 -22.85
CA CYS A 54 17.05 10.71 -22.76
C CYS A 54 17.24 11.61 -21.54
N ILE A 55 16.67 12.81 -21.64
CA ILE A 55 16.37 13.65 -20.49
C ILE A 55 14.92 13.39 -20.10
N ALA A 56 14.65 13.18 -18.81
CA ALA A 56 13.30 13.00 -18.31
C ALA A 56 12.75 14.33 -17.80
N TYR A 57 11.50 14.63 -18.16
CA TYR A 57 10.77 15.79 -17.66
C TYR A 57 9.50 15.33 -16.97
N GLU A 58 9.20 15.93 -15.82
CA GLU A 58 7.96 15.64 -15.11
C GLU A 58 6.97 16.77 -15.38
N ILE A 59 5.79 16.42 -15.90
CA ILE A 59 4.80 17.40 -16.35
C ILE A 59 3.50 17.15 -15.59
N ASN A 60 2.91 18.24 -15.09
CA ASN A 60 1.65 18.18 -14.34
C ASN A 60 1.69 17.09 -13.28
N ARG A 61 2.86 16.97 -12.65
CA ARG A 61 3.15 16.05 -11.54
C ARG A 61 2.76 14.57 -11.64
N ASP A 62 2.13 14.16 -12.73
CA ASP A 62 1.74 12.75 -12.87
C ASP A 62 2.28 12.07 -14.12
N PHE A 63 3.03 12.77 -14.99
CA PHE A 63 3.55 12.18 -16.22
C PHE A 63 5.05 12.38 -16.32
N ILE A 64 5.73 11.40 -16.90
CA ILE A 64 7.16 11.50 -17.18
C ILE A 64 7.34 11.42 -18.68
N PHE A 65 7.91 12.46 -19.29
CA PHE A 65 8.25 12.48 -20.70
C PHE A 65 9.75 12.32 -20.86
N LYS A 66 10.17 11.37 -21.69
CA LYS A 66 11.56 11.23 -22.11
C LYS A 66 11.74 11.87 -23.48
N PHE A 67 12.73 12.72 -23.61
CA PHE A 67 13.08 13.25 -24.92
C PHE A 67 14.47 12.77 -25.28
N PRO A 68 14.67 12.17 -26.44
CA PRO A 68 15.97 11.53 -26.73
C PRO A 68 17.07 12.55 -27.04
N LYS A 69 18.28 12.23 -26.57
CA LYS A 69 19.42 13.08 -26.84
C LYS A 69 20.12 12.77 -28.15
N HIS A 70 19.83 11.62 -28.76
CA HIS A 70 20.50 11.25 -30.01
C HIS A 70 19.69 10.14 -30.66
N SER A 71 20.09 9.81 -31.89
CA SER A 71 19.31 8.86 -32.68
C SER A 71 19.29 7.49 -32.03
N ARG A 72 20.35 7.15 -31.28
CA ARG A 72 20.39 5.87 -30.58
C ARG A 72 19.37 5.86 -29.46
N GLY A 73 19.35 6.90 -28.64
CA GLY A 73 18.33 7.00 -27.61
C GLY A 73 16.93 6.93 -28.18
N SER A 74 16.68 7.69 -29.25
CA SER A 74 15.37 7.70 -29.87
C SER A 74 14.90 6.29 -30.19
N THR A 75 15.78 5.50 -30.81
CA THR A 75 15.46 4.10 -31.10
C THR A 75 15.26 3.27 -29.82
N ASN A 76 15.99 3.57 -28.75
CA ASN A 76 15.72 2.85 -27.50
C ASN A 76 14.41 3.31 -26.91
N LEU A 77 14.01 4.54 -27.21
CA LEU A 77 12.72 5.02 -26.77
C LEU A 77 11.62 4.36 -27.60
N PHE A 78 11.81 4.32 -28.92
CA PHE A 78 10.90 3.57 -29.77
C PHE A 78 10.68 2.18 -29.21
N ASN A 79 11.77 1.47 -28.89
CA ASN A 79 11.62 0.08 -28.45
C ASN A 79 10.98 -0.01 -27.09
N GLU A 80 11.35 0.89 -26.17
CA GLU A 80 10.69 0.90 -24.87
C GLU A 80 9.19 1.08 -25.04
N VAL A 81 8.79 2.06 -25.85
CA VAL A 81 7.37 2.31 -26.04
C VAL A 81 6.69 1.04 -26.53
N ASN A 82 7.26 0.44 -27.59
CA ASN A 82 6.78 -0.82 -28.16
C ASN A 82 6.64 -1.91 -27.11
N ILE A 83 7.64 -2.05 -26.23
CA ILE A 83 7.64 -3.17 -25.28
C ILE A 83 6.60 -2.94 -24.18
N LEU A 84 6.45 -1.69 -23.69
CA LEU A 84 5.52 -1.43 -22.60
C LEU A 84 4.06 -1.65 -23.02
N LYS A 85 3.65 -1.10 -24.16
CA LYS A 85 2.31 -1.38 -24.64
C LYS A 85 2.10 -2.90 -24.67
N ARG A 86 3.09 -3.62 -25.18
CA ARG A 86 2.98 -5.06 -25.44
C ARG A 86 2.91 -5.89 -24.16
N ILE A 87 3.58 -5.46 -23.09
CA ILE A 87 3.55 -6.21 -21.83
C ILE A 87 2.65 -5.53 -20.80
N HIS A 88 1.92 -4.49 -21.19
CA HIS A 88 0.93 -3.87 -20.32
C HIS A 88 0.06 -4.92 -19.62
N ASN A 89 -0.06 -4.78 -18.31
CA ASN A 89 -0.98 -5.52 -17.46
C ASN A 89 -0.62 -6.99 -17.29
N LYS A 90 0.61 -7.40 -17.60
CA LYS A 90 1.00 -8.80 -17.44
C LYS A 90 2.07 -9.05 -16.38
N LEU A 91 2.54 -8.03 -15.68
CA LEU A 91 3.58 -8.27 -14.68
C LEU A 91 3.05 -8.03 -13.26
N PRO A 92 3.66 -8.66 -12.25
CA PRO A 92 3.17 -8.52 -10.87
C PRO A 92 3.68 -7.27 -10.14
N LEU A 93 4.45 -6.41 -10.78
CA LEU A 93 4.68 -5.09 -10.22
C LEU A 93 4.25 -4.02 -11.21
N PRO A 94 3.90 -2.83 -10.74
CA PRO A 94 3.56 -1.75 -11.67
C PRO A 94 4.71 -1.38 -12.59
N ILE A 95 4.36 -0.96 -13.80
CA ILE A 95 5.32 -0.46 -14.79
C ILE A 95 4.70 0.75 -15.49
N PRO A 96 5.48 1.52 -16.25
CA PRO A 96 4.93 2.72 -16.90
C PRO A 96 3.97 2.38 -18.02
N GLU A 97 2.84 3.09 -18.02
CA GLU A 97 1.89 3.05 -19.13
C GLU A 97 2.23 4.16 -20.11
N VAL A 98 2.30 3.84 -21.39
CA VAL A 98 2.58 4.87 -22.39
C VAL A 98 1.29 5.64 -22.64
N VAL A 99 1.30 6.94 -22.33
CA VAL A 99 0.14 7.77 -22.58
C VAL A 99 0.38 8.78 -23.71
N PHE A 100 1.63 9.20 -23.98
CA PHE A 100 1.92 10.06 -25.11
C PHE A 100 3.05 9.47 -25.93
N THR A 101 2.98 9.66 -27.25
CA THR A 101 4.11 9.35 -28.12
C THR A 101 4.29 10.48 -29.13
N GLY A 102 5.53 10.70 -29.50
CA GLY A 102 5.85 11.55 -30.62
C GLY A 102 5.90 10.73 -31.89
N MET A 103 6.79 11.13 -32.79
CA MET A 103 6.90 10.44 -34.08
C MET A 103 8.31 10.61 -34.60
N PRO A 104 8.62 9.94 -35.72
CA PRO A 104 9.90 10.15 -36.40
C PRO A 104 10.14 11.62 -36.75
N SER A 105 11.40 12.02 -36.69
CA SER A 105 11.77 13.37 -37.13
C SER A 105 13.24 13.33 -37.54
N GLU A 106 13.49 13.53 -38.83
CA GLU A 106 14.85 13.52 -39.34
C GLU A 106 15.54 12.19 -39.05
N THR A 107 16.42 12.17 -38.06
CA THR A 107 17.17 10.96 -37.70
C THR A 107 16.76 10.40 -36.34
N TYR A 108 15.52 10.67 -35.93
CA TYR A 108 14.99 10.11 -34.69
C TYR A 108 13.77 9.28 -35.02
N GLN A 109 13.76 8.03 -34.57
CA GLN A 109 12.61 7.17 -34.80
C GLN A 109 11.43 7.54 -33.91
N MET A 110 11.69 8.12 -32.74
CA MET A 110 10.63 8.45 -31.78
C MET A 110 11.02 9.79 -31.14
N SER A 111 10.28 10.85 -31.43
CA SER A 111 10.71 12.18 -31.01
C SER A 111 10.61 12.36 -29.50
N PHE A 112 9.71 11.63 -28.84
CA PHE A 112 9.51 11.66 -27.39
C PHE A 112 8.45 10.65 -27.00
N ALA A 113 8.26 10.43 -25.70
CA ALA A 113 7.19 9.57 -25.19
C ALA A 113 6.83 10.00 -23.78
N GLY A 114 5.56 9.91 -23.43
CA GLY A 114 5.11 10.25 -22.10
C GLY A 114 4.44 9.11 -21.36
N PHE A 115 4.95 8.80 -20.18
CA PHE A 115 4.50 7.68 -19.36
C PHE A 115 3.93 8.21 -18.06
N THR A 116 2.96 7.48 -17.49
CA THR A 116 2.52 7.76 -16.13
C THR A 116 3.71 7.64 -15.19
N LYS A 117 3.77 8.55 -14.22
CA LYS A 117 4.80 8.46 -13.19
C LYS A 117 4.40 7.36 -12.21
N ILE A 118 5.24 6.33 -12.09
CA ILE A 118 5.14 5.37 -10.98
C ILE A 118 5.73 6.02 -9.74
N LYS A 119 4.99 5.98 -8.64
CA LYS A 119 5.43 6.57 -7.38
C LYS A 119 6.41 5.66 -6.66
N GLY A 120 7.25 6.29 -5.79
CA GLY A 120 8.18 5.66 -4.88
C GLY A 120 9.56 6.24 -5.05
N VAL A 121 10.54 5.58 -4.43
CA VAL A 121 11.95 6.02 -4.40
C VAL A 121 12.87 4.84 -4.72
N PRO A 122 14.04 5.06 -5.35
CA PRO A 122 14.93 3.95 -5.67
C PRO A 122 15.22 3.09 -4.46
N LEU A 123 15.26 1.78 -4.68
CA LEU A 123 15.60 0.80 -3.64
C LEU A 123 17.12 0.68 -3.55
N THR A 124 17.77 1.73 -3.01
CA THR A 124 19.22 1.79 -3.02
C THR A 124 19.79 0.64 -2.22
N PRO A 125 21.03 0.24 -2.48
CA PRO A 125 21.69 -0.65 -1.52
C PRO A 125 21.57 -0.17 -0.09
N LEU A 126 21.87 1.10 0.18
CA LEU A 126 21.74 1.61 1.55
C LEU A 126 20.31 1.44 2.06
N LEU A 127 19.33 1.87 1.26
CA LEU A 127 17.92 1.75 1.66
C LEU A 127 17.54 0.30 1.90
N LEU A 128 18.05 -0.63 1.08
CA LEU A 128 17.71 -2.04 1.21
C LEU A 128 18.31 -2.65 2.47
N ASN A 129 19.58 -2.34 2.75
CA ASN A 129 20.24 -2.93 3.92
C ASN A 129 19.86 -2.25 5.23
N ASN A 130 19.17 -1.12 5.17
CA ASN A 130 18.68 -0.45 6.37
C ASN A 130 17.30 -0.96 6.81
N LEU A 131 16.69 -1.86 6.05
CA LEU A 131 15.37 -2.48 6.11
C LEU A 131 15.40 -3.70 7.02
N PRO A 132 14.37 -3.85 7.88
CA PRO A 132 14.27 -5.07 8.68
C PRO A 132 14.46 -6.30 7.81
N LYS A 133 15.04 -7.36 8.39
CA LYS A 133 15.45 -8.49 7.57
C LYS A 133 14.28 -9.10 6.82
N GLN A 134 13.07 -9.07 7.40
CA GLN A 134 11.90 -9.64 6.74
C GLN A 134 11.47 -8.82 5.53
N SER A 135 11.65 -7.50 5.59
CA SER A 135 11.37 -6.66 4.41
C SER A 135 12.42 -6.85 3.33
N GLN A 136 13.63 -7.28 3.70
CA GLN A 136 14.66 -7.59 2.72
C GLN A 136 14.34 -8.88 1.97
N ASN A 137 13.95 -9.92 2.71
CA ASN A 137 13.57 -11.18 2.08
C ASN A 137 12.31 -11.01 1.24
N GLN A 138 11.32 -10.28 1.77
CA GLN A 138 10.19 -9.88 0.96
C GLN A 138 10.69 -9.32 -0.38
N ALA A 139 11.33 -8.14 -0.36
CA ALA A 139 11.78 -7.49 -1.58
C ALA A 139 12.50 -8.44 -2.54
N ALA A 140 13.23 -9.42 -2.01
CA ALA A 140 13.92 -10.37 -2.86
C ALA A 140 12.97 -11.42 -3.46
N LYS A 141 11.90 -11.77 -2.73
CA LYS A 141 10.83 -12.57 -3.32
C LYS A 141 10.08 -11.79 -4.39
N ASP A 142 9.79 -10.51 -4.14
CA ASP A 142 9.06 -9.74 -5.14
C ASP A 142 9.87 -9.54 -6.41
N LEU A 143 11.20 -9.58 -6.31
CA LEU A 143 12.00 -9.38 -7.50
C LEU A 143 12.09 -10.65 -8.33
N ALA A 144 12.24 -11.80 -7.66
CA ALA A 144 12.27 -13.07 -8.37
C ALA A 144 10.92 -13.34 -9.07
N ARG A 145 9.81 -13.14 -8.36
CA ARG A 145 8.50 -13.30 -8.98
C ARG A 145 8.34 -12.35 -10.16
N PHE A 146 8.79 -11.10 -10.04
CA PHE A 146 8.73 -10.21 -11.20
C PHE A 146 9.54 -10.76 -12.36
N LEU A 147 10.75 -11.24 -12.07
CA LEU A 147 11.59 -11.71 -13.16
C LEU A 147 11.09 -13.06 -13.68
N SER A 148 10.67 -13.94 -12.77
CA SER A 148 10.03 -15.19 -13.18
C SER A 148 8.93 -14.92 -14.20
N GLU A 149 8.12 -13.89 -13.97
CA GLU A 149 7.02 -13.57 -14.87
C GLU A 149 7.50 -12.84 -16.12
N LEU A 150 8.43 -11.88 -15.97
CA LEU A 150 8.92 -11.21 -17.16
C LEU A 150 9.53 -12.22 -18.13
N HIS A 151 10.25 -13.22 -17.60
CA HIS A 151 11.02 -14.17 -18.38
C HIS A 151 10.19 -15.32 -18.97
N SER A 152 8.95 -15.51 -18.51
CA SER A 152 8.01 -16.47 -19.08
C SER A 152 7.00 -15.79 -19.99
N ILE A 153 7.18 -14.50 -20.29
CA ILE A 153 6.33 -13.86 -21.29
C ILE A 153 6.59 -14.51 -22.66
N ASN A 154 5.52 -14.95 -23.31
CA ASN A 154 5.67 -15.60 -24.61
C ASN A 154 6.10 -14.59 -25.66
N ILE A 155 7.16 -14.90 -26.41
CA ILE A 155 7.79 -13.93 -27.32
C ILE A 155 7.47 -14.21 -28.79
N SER A 156 6.61 -15.18 -29.09
CA SER A 156 6.39 -15.52 -30.50
C SER A 156 6.08 -14.29 -31.34
N GLY A 157 5.38 -13.30 -30.76
CA GLY A 157 4.90 -12.15 -31.51
C GLY A 157 5.85 -10.98 -31.66
N PHE A 158 7.08 -11.09 -31.21
CA PHE A 158 8.02 -9.97 -31.33
C PHE A 158 8.81 -10.10 -32.63
N LYS A 159 9.01 -8.97 -33.31
CA LYS A 159 9.84 -8.96 -34.51
C LYS A 159 11.26 -9.39 -34.16
N SER A 160 11.88 -10.16 -35.05
CA SER A 160 13.25 -10.60 -34.84
C SER A 160 14.21 -9.41 -34.71
N ASN A 161 13.82 -8.24 -35.20
CA ASN A 161 14.42 -6.97 -34.83
C ASN A 161 14.90 -6.96 -33.38
N LEU A 162 14.03 -7.34 -32.45
CA LEU A 162 14.23 -7.16 -31.02
C LEU A 162 14.97 -8.30 -30.35
N VAL A 163 15.44 -9.30 -31.07
CA VAL A 163 16.12 -10.46 -30.48
C VAL A 163 17.62 -10.24 -30.56
N LEU A 164 18.22 -9.83 -29.44
CA LEU A 164 19.66 -9.59 -29.43
C LEU A 164 20.41 -10.87 -29.73
N ASP A 165 21.17 -10.87 -30.84
CA ASP A 165 22.14 -11.92 -31.10
C ASP A 165 23.45 -11.50 -30.41
N PHE A 166 23.86 -12.25 -29.39
CA PHE A 166 25.10 -11.96 -28.67
C PHE A 166 26.32 -12.28 -29.52
N ARG A 167 26.26 -13.35 -30.33
CA ARG A 167 27.33 -13.64 -31.27
C ARG A 167 27.62 -12.42 -32.15
N GLU A 168 26.60 -11.92 -32.87
CA GLU A 168 26.82 -10.78 -33.75
C GLU A 168 27.34 -9.57 -32.97
N LYS A 169 26.68 -9.24 -31.85
CA LYS A 169 27.15 -8.11 -31.02
C LYS A 169 28.65 -8.19 -30.77
N ILE A 170 29.15 -9.36 -30.35
CA ILE A 170 30.57 -9.53 -30.06
C ILE A 170 31.40 -9.25 -31.31
N ASN A 171 31.05 -9.88 -32.44
CA ASN A 171 31.80 -9.65 -33.67
C ASN A 171 31.71 -8.19 -34.11
N GLU A 172 30.54 -7.57 -33.95
CA GLU A 172 30.43 -6.13 -34.21
C GLU A 172 31.40 -5.34 -33.34
N ASP A 173 31.35 -5.54 -32.01
CA ASP A 173 32.28 -4.84 -31.13
C ASP A 173 33.73 -5.12 -31.50
N ASN A 174 34.08 -6.41 -31.69
CA ASN A 174 35.44 -6.81 -32.02
C ASN A 174 36.00 -5.99 -33.18
N LYS A 175 35.22 -5.81 -34.25
CA LYS A 175 35.73 -5.07 -35.39
C LYS A 175 35.93 -3.60 -35.04
N LYS A 176 34.96 -3.01 -34.33
CA LYS A 176 35.10 -1.63 -33.89
C LYS A 176 36.33 -1.47 -32.99
N ILE A 177 36.58 -2.45 -32.12
CA ILE A 177 37.69 -2.34 -31.17
C ILE A 177 39.02 -2.56 -31.87
N LYS A 178 39.03 -3.44 -32.85
CA LYS A 178 40.20 -3.67 -33.62
C LYS A 178 40.55 -2.37 -34.35
N LYS A 179 39.55 -1.75 -34.96
CA LYS A 179 39.76 -0.47 -35.63
C LYS A 179 40.29 0.58 -34.66
N LEU A 180 39.70 0.65 -33.46
CA LEU A 180 40.02 1.75 -32.54
C LEU A 180 41.39 1.57 -31.88
N LEU A 181 41.70 0.35 -31.42
CA LEU A 181 42.93 0.11 -30.68
C LEU A 181 44.16 -0.01 -31.56
N SER A 182 43.98 -0.10 -32.89
CA SER A 182 45.12 -0.08 -33.77
C SER A 182 45.89 1.24 -33.68
N ARG A 183 45.23 2.31 -33.23
CA ARG A 183 45.87 3.61 -33.07
C ARG A 183 46.40 3.82 -31.65
N GLU A 184 46.25 2.84 -30.76
CA GLU A 184 46.46 3.04 -29.32
C GLU A 184 47.38 2.01 -28.66
N LEU A 185 47.70 0.89 -29.33
CA LEU A 185 48.55 -0.13 -28.74
C LEU A 185 49.38 -0.80 -29.83
N LYS A 186 50.47 -1.43 -29.41
CA LYS A 186 51.38 -2.14 -30.28
C LYS A 186 51.01 -3.63 -30.31
N GLY A 187 51.88 -4.44 -30.92
CA GLY A 187 51.65 -5.85 -31.07
C GLY A 187 51.30 -6.55 -29.76
N PRO A 188 52.24 -6.57 -28.82
CA PRO A 188 52.02 -7.34 -27.58
C PRO A 188 50.72 -7.00 -26.86
N GLN A 189 50.50 -5.71 -26.55
CA GLN A 189 49.28 -5.32 -25.86
C GLN A 189 48.04 -5.69 -26.66
N MET A 190 48.13 -5.63 -27.99
CA MET A 190 46.97 -5.93 -28.82
C MET A 190 46.65 -7.42 -28.81
N LYS A 191 47.67 -8.27 -28.72
CA LYS A 191 47.43 -9.71 -28.58
C LYS A 191 46.50 -9.99 -27.40
N LYS A 192 46.72 -9.34 -26.25
CA LYS A 192 45.88 -9.57 -25.07
C LYS A 192 44.41 -9.30 -25.40
N VAL A 193 44.15 -8.27 -26.20
CA VAL A 193 42.77 -7.99 -26.64
C VAL A 193 42.32 -9.04 -27.65
N ASP A 194 43.18 -9.36 -28.63
CA ASP A 194 42.89 -10.45 -29.57
C ASP A 194 42.49 -11.72 -28.82
N ASP A 195 43.28 -12.10 -27.82
CA ASP A 195 43.02 -13.33 -27.07
C ASP A 195 41.68 -13.28 -26.38
N PHE A 196 41.29 -12.10 -25.86
CA PHE A 196 40.08 -11.99 -25.06
C PHE A 196 38.82 -12.10 -25.93
N TYR A 197 38.84 -11.56 -27.15
CA TYR A 197 37.68 -11.74 -28.04
C TYR A 197 37.60 -13.14 -28.61
N ARG A 198 38.74 -13.82 -28.80
CA ARG A 198 38.70 -15.20 -29.26
C ARG A 198 38.14 -16.12 -28.18
N ASP A 199 38.60 -15.97 -26.93
CA ASP A 199 38.12 -16.83 -25.86
C ASP A 199 36.60 -16.72 -25.69
N ILE A 200 36.08 -15.49 -25.65
CA ILE A 200 34.65 -15.26 -25.48
C ILE A 200 33.85 -15.93 -26.60
N LEU A 201 34.25 -15.67 -27.86
CA LEU A 201 33.51 -16.22 -28.99
C LEU A 201 33.47 -17.73 -28.95
N GLU A 202 34.57 -18.36 -28.54
CA GLU A 202 34.68 -19.81 -28.55
C GLU A 202 34.16 -20.48 -27.27
N ASN A 203 33.42 -19.78 -26.41
CA ASN A 203 32.86 -20.37 -25.19
C ASN A 203 31.33 -20.28 -25.25
N GLU A 204 30.68 -21.44 -25.40
CA GLU A 204 29.26 -21.44 -25.72
C GLU A 204 28.40 -21.03 -24.54
N ILE A 205 28.97 -20.96 -23.34
CA ILE A 205 28.22 -20.55 -22.16
C ILE A 205 27.61 -19.17 -22.34
N TYR A 206 28.13 -18.38 -23.28
CA TYR A 206 27.59 -17.05 -23.51
C TYR A 206 26.49 -17.00 -24.55
N PHE A 207 26.32 -18.06 -25.35
CA PHE A 207 25.38 -18.02 -26.46
C PHE A 207 24.33 -19.11 -26.40
N LYS A 208 24.53 -20.09 -25.54
CA LYS A 208 23.63 -21.25 -25.43
C LYS A 208 22.76 -21.08 -24.20
N TYR A 209 21.73 -20.24 -24.34
CA TYR A 209 20.73 -19.98 -23.32
C TYR A 209 19.36 -20.01 -23.99
N TYR A 210 18.31 -19.94 -23.18
CA TYR A 210 16.95 -19.89 -23.69
C TYR A 210 16.47 -18.43 -23.76
N PRO A 211 16.49 -17.80 -24.93
CA PRO A 211 16.19 -16.36 -24.97
C PRO A 211 14.80 -16.09 -24.41
N CYS A 212 14.65 -14.96 -23.73
CA CYS A 212 13.31 -14.52 -23.36
C CYS A 212 13.30 -12.99 -23.31
N LEU A 213 12.17 -12.42 -22.93
CA LEU A 213 12.09 -10.99 -22.71
C LEU A 213 12.78 -10.64 -21.39
N ILE A 214 13.81 -9.80 -21.49
CA ILE A 214 14.58 -9.33 -20.35
C ILE A 214 14.48 -7.79 -20.31
N HIS A 215 14.49 -7.28 -19.08
CA HIS A 215 14.53 -5.83 -18.84
C HIS A 215 15.84 -5.21 -19.35
N ASN A 216 16.95 -5.87 -19.07
CA ASN A 216 18.28 -5.56 -19.62
C ASN A 216 18.95 -4.32 -19.03
N ASP A 217 18.36 -3.70 -18.00
CA ASP A 217 19.02 -2.68 -17.22
C ASP A 217 18.51 -2.76 -15.78
N PHE A 218 18.43 -3.97 -15.27
CA PHE A 218 17.70 -4.29 -14.04
C PHE A 218 18.59 -4.02 -12.83
N SER A 219 18.47 -2.83 -12.25
CA SER A 219 19.40 -2.41 -11.19
C SER A 219 18.67 -1.50 -10.21
N SER A 220 19.37 -1.19 -9.12
CA SER A 220 18.73 -0.61 -7.94
C SER A 220 18.00 0.70 -8.26
N ASP A 221 18.51 1.48 -9.21
CA ASP A 221 17.84 2.74 -9.54
C ASP A 221 16.56 2.57 -10.33
N HIS A 222 16.31 1.40 -10.93
CA HIS A 222 15.08 1.22 -11.68
C HIS A 222 14.05 0.39 -10.92
N ILE A 223 14.33 0.10 -9.65
CA ILE A 223 13.44 -0.62 -8.75
C ILE A 223 12.91 0.41 -7.77
N LEU A 224 11.65 0.75 -7.88
CA LEU A 224 11.07 1.75 -7.00
C LEU A 224 10.47 1.06 -5.78
N PHE A 225 10.41 1.80 -4.66
CA PHE A 225 10.09 1.27 -3.36
C PHE A 225 9.17 2.23 -2.62
N ASP A 226 8.31 1.67 -1.78
CA ASP A 226 7.26 2.39 -1.06
C ASP A 226 7.60 2.24 0.42
N THR A 227 8.17 3.30 1.01
CA THR A 227 8.56 3.24 2.42
C THR A 227 7.36 3.16 3.35
N GLU A 228 6.17 3.62 2.91
CA GLU A 228 4.97 3.47 3.75
C GLU A 228 4.51 2.01 3.83
N LYS A 229 4.54 1.28 2.72
CA LYS A 229 4.24 -0.16 2.73
C LYS A 229 5.46 -1.03 2.99
N ASN A 230 6.66 -0.56 2.62
CA ASN A 230 7.94 -1.27 2.77
C ASN A 230 8.05 -2.46 1.81
N THR A 231 7.51 -2.30 0.60
CA THR A 231 7.58 -3.33 -0.44
C THR A 231 7.89 -2.65 -1.76
N ILE A 232 8.43 -3.44 -2.70
CA ILE A 232 8.71 -2.90 -4.02
C ILE A 232 7.39 -2.52 -4.68
N CYS A 233 7.36 -1.36 -5.36
CA CYS A 233 6.14 -0.84 -5.92
C CYS A 233 6.32 -0.35 -7.35
N GLY A 234 7.36 -0.80 -8.06
CA GLY A 234 7.48 -0.39 -9.44
C GLY A 234 8.78 -0.77 -10.11
N ILE A 235 8.72 -1.08 -11.40
CA ILE A 235 9.92 -1.24 -12.22
C ILE A 235 9.83 -0.22 -13.34
N ILE A 236 10.96 0.45 -13.64
CA ILE A 236 10.96 1.53 -14.61
C ILE A 236 12.15 1.34 -15.55
N ASP A 237 12.15 2.15 -16.59
CA ASP A 237 13.21 2.21 -17.57
C ASP A 237 13.45 0.94 -18.37
N PHE A 238 12.61 0.72 -19.34
CA PHE A 238 12.66 -0.44 -20.23
C PHE A 238 13.37 -0.16 -21.57
N GLY A 239 14.01 1.01 -21.70
CA GLY A 239 14.58 1.41 -22.98
C GLY A 239 15.50 0.40 -23.60
N ASP A 240 16.20 -0.38 -22.77
CA ASP A 240 17.10 -1.46 -23.20
C ASP A 240 16.41 -2.81 -23.25
N ALA A 241 15.16 -2.90 -22.81
CA ALA A 241 14.41 -4.13 -22.91
C ALA A 241 14.59 -4.78 -24.28
N ALA A 242 14.85 -6.08 -24.29
CA ALA A 242 14.98 -6.83 -25.54
C ALA A 242 14.91 -8.30 -25.20
N ILE A 243 14.93 -9.13 -26.24
CA ILE A 243 14.96 -10.58 -26.08
C ILE A 243 16.41 -11.04 -26.01
N SER A 244 16.72 -11.86 -25.03
CA SER A 244 18.11 -12.14 -24.73
C SER A 244 18.24 -13.14 -23.59
N ASP A 245 19.43 -13.19 -22.98
CA ASP A 245 19.71 -14.16 -21.93
C ASP A 245 19.12 -13.67 -20.61
N PRO A 246 18.28 -14.47 -19.95
CA PRO A 246 17.65 -13.98 -18.71
C PRO A 246 18.65 -13.75 -17.58
N ASP A 247 19.75 -14.51 -17.54
CA ASP A 247 20.79 -14.28 -16.54
C ASP A 247 21.22 -12.82 -16.47
N ASN A 248 21.12 -12.09 -17.60
CA ASN A 248 21.56 -10.69 -17.61
C ASN A 248 20.84 -9.87 -16.54
N ASP A 249 19.60 -10.25 -16.20
CA ASP A 249 18.83 -9.48 -15.25
C ASP A 249 19.25 -9.75 -13.82
N PHE A 250 20.02 -10.81 -13.58
CA PHE A 250 20.62 -11.01 -12.28
C PHE A 250 22.01 -10.39 -12.20
N ILE A 251 22.79 -10.50 -13.28
CA ILE A 251 24.14 -9.95 -13.32
C ILE A 251 24.13 -8.46 -13.00
N SER A 252 23.14 -7.75 -13.55
CA SER A 252 23.01 -6.29 -13.39
C SER A 252 22.70 -5.87 -11.95
N LEU A 253 22.42 -6.83 -11.06
CA LEU A 253 22.18 -6.56 -9.66
C LEU A 253 23.37 -6.88 -8.77
N MET A 254 24.31 -7.69 -9.25
CA MET A 254 25.27 -8.38 -8.38
C MET A 254 26.44 -7.52 -7.94
N GLU A 255 26.78 -6.47 -8.67
CA GLU A 255 27.98 -5.70 -8.35
C GLU A 255 27.90 -5.09 -6.94
N ASP A 256 28.84 -5.45 -6.07
CA ASP A 256 28.76 -4.95 -4.70
C ASP A 256 29.14 -3.47 -4.62
N ASP A 257 28.49 -2.84 -3.66
CA ASP A 257 28.62 -1.43 -3.41
C ASP A 257 27.70 -0.72 -4.31
N GLU A 258 28.01 -0.76 -5.61
CA GLU A 258 27.20 -0.08 -6.60
C GLU A 258 25.81 -0.69 -6.70
N GLU A 259 25.70 -1.99 -6.42
CA GLU A 259 24.42 -2.68 -6.53
C GLU A 259 24.25 -3.52 -5.27
N TYR A 260 23.35 -4.51 -5.32
CA TYR A 260 22.93 -5.19 -4.11
C TYR A 260 23.99 -6.16 -3.61
N GLY A 261 24.74 -6.78 -4.51
CA GLY A 261 25.74 -7.72 -4.08
C GLY A 261 25.24 -9.15 -4.00
N MET A 262 26.21 -10.03 -3.76
CA MET A 262 26.03 -11.47 -3.97
C MET A 262 24.93 -12.05 -3.08
N GLU A 263 25.03 -11.82 -1.77
CA GLU A 263 24.10 -12.51 -0.86
C GLU A 263 22.65 -12.18 -1.21
N PHE A 264 22.36 -10.89 -1.45
CA PHE A 264 20.98 -10.54 -1.71
C PHE A 264 20.52 -11.09 -3.04
N VAL A 265 21.36 -10.97 -4.07
CA VAL A 265 21.02 -11.55 -5.38
C VAL A 265 20.82 -13.06 -5.26
N SER A 266 21.58 -13.71 -4.38
CA SER A 266 21.45 -15.16 -4.23
C SER A 266 20.07 -15.55 -3.73
N LYS A 267 19.47 -14.73 -2.86
CA LYS A 267 18.12 -15.04 -2.42
C LYS A 267 17.14 -14.94 -3.57
N ILE A 268 17.28 -13.91 -4.42
CA ILE A 268 16.43 -13.79 -5.60
C ILE A 268 16.60 -15.02 -6.48
N LEU A 269 17.85 -15.44 -6.72
CA LEU A 269 18.12 -16.60 -7.55
C LEU A 269 17.45 -17.85 -7.01
N ASN A 270 17.24 -17.92 -5.70
CA ASN A 270 16.64 -19.10 -5.11
C ASN A 270 15.12 -19.03 -5.04
N HIS A 271 14.54 -17.83 -4.98
CA HIS A 271 13.09 -17.73 -5.10
C HIS A 271 12.65 -17.97 -6.55
N TYR A 272 13.46 -17.48 -7.50
CA TYR A 272 13.32 -17.74 -8.93
C TYR A 272 13.54 -19.22 -9.28
N LYS A 273 14.28 -19.95 -8.44
CA LYS A 273 14.58 -21.36 -8.67
C LYS A 273 15.54 -21.55 -9.84
N HIS A 274 16.59 -20.73 -9.87
CA HIS A 274 17.66 -20.90 -10.85
C HIS A 274 18.45 -22.17 -10.56
N LYS A 275 18.67 -22.96 -11.60
CA LYS A 275 19.28 -24.28 -11.45
C LYS A 275 20.79 -24.28 -11.73
N ASP A 276 21.37 -23.12 -12.00
CA ASP A 276 22.79 -23.06 -12.36
C ASP A 276 23.39 -21.71 -11.95
N ILE A 277 23.47 -21.43 -10.64
CA ILE A 277 24.05 -20.17 -10.20
C ILE A 277 25.50 -20.02 -10.64
N PRO A 278 26.36 -21.04 -10.57
CA PRO A 278 27.73 -20.87 -11.05
C PRO A 278 27.83 -20.25 -12.43
N THR A 279 26.89 -20.56 -13.34
CA THR A 279 26.95 -19.96 -14.67
C THR A 279 26.55 -18.48 -14.64
N VAL A 280 25.70 -18.08 -13.70
CA VAL A 280 25.44 -16.65 -13.52
C VAL A 280 26.71 -15.93 -13.11
N LEU A 281 27.41 -16.49 -12.12
CA LEU A 281 28.69 -15.92 -11.68
C LEU A 281 29.68 -15.84 -12.82
N GLU A 282 29.74 -16.88 -13.68
CA GLU A 282 30.65 -16.91 -14.81
C GLU A 282 30.29 -15.90 -15.88
N LYS A 283 29.03 -15.50 -15.96
CA LYS A 283 28.72 -14.46 -16.94
C LYS A 283 28.89 -13.08 -16.36
N TYR A 284 28.72 -12.93 -15.05
CA TYR A 284 29.13 -11.69 -14.40
C TYR A 284 30.63 -11.47 -14.57
N ARG A 285 31.42 -12.49 -14.26
CA ARG A 285 32.87 -12.40 -14.42
C ARG A 285 33.23 -11.90 -15.82
N MET A 286 32.60 -12.47 -16.85
CA MET A 286 32.96 -12.06 -18.20
C MET A 286 32.48 -10.64 -18.50
N LYS A 287 31.32 -10.31 -18.00
CA LYS A 287 30.77 -9.02 -18.24
C LYS A 287 31.50 -7.92 -17.52
N GLU A 288 32.13 -8.26 -16.44
CA GLU A 288 32.94 -7.31 -15.69
C GLU A 288 34.16 -6.88 -16.51
N LYS A 289 34.94 -7.85 -17.01
CA LYS A 289 36.08 -7.58 -17.88
C LYS A 289 35.64 -6.86 -19.17
N TYR A 290 34.59 -7.35 -19.82
CA TYR A 290 34.11 -6.76 -21.06
C TYR A 290 33.80 -5.27 -20.93
N TRP A 291 33.43 -4.82 -19.73
CA TRP A 291 33.01 -3.44 -19.53
C TRP A 291 34.05 -2.45 -20.05
N SER A 292 35.33 -2.78 -19.98
CA SER A 292 36.36 -1.89 -20.52
C SER A 292 36.11 -1.59 -22.00
N PHE A 293 35.67 -2.58 -22.77
CA PHE A 293 35.50 -2.37 -24.21
C PHE A 293 34.27 -1.52 -24.50
N GLU A 294 33.18 -1.72 -23.75
CA GLU A 294 32.02 -0.85 -23.93
C GLU A 294 32.41 0.62 -23.71
N LYS A 295 33.16 0.89 -22.64
CA LYS A 295 33.57 2.27 -22.38
C LYS A 295 34.37 2.85 -23.54
N ILE A 296 35.24 2.04 -24.16
CA ILE A 296 35.99 2.50 -25.32
C ILE A 296 35.06 2.79 -26.48
N ILE A 297 34.16 1.84 -26.78
CA ILE A 297 33.24 1.97 -27.90
C ILE A 297 32.32 3.16 -27.70
N TYR A 298 31.61 3.19 -26.56
CA TYR A 298 30.69 4.29 -26.31
C TYR A 298 31.44 5.58 -25.98
N GLY A 299 32.57 5.48 -25.29
CA GLY A 299 33.41 6.64 -25.08
C GLY A 299 33.70 7.37 -26.38
N LYS A 300 34.14 6.64 -27.41
CA LYS A 300 34.44 7.27 -28.69
C LYS A 300 33.20 7.46 -29.55
N GLU A 301 32.06 6.90 -29.14
CA GLU A 301 30.83 7.12 -29.89
C GLU A 301 30.29 8.52 -29.62
N TYR A 302 29.77 8.73 -28.41
CA TYR A 302 29.16 10.01 -28.09
C TYR A 302 30.18 11.13 -28.15
N GLY A 303 31.35 10.92 -27.57
CA GLY A 303 32.36 11.95 -27.43
C GLY A 303 32.89 11.97 -26.01
N TYR A 304 32.53 10.95 -25.25
CA TYR A 304 32.88 10.84 -23.83
C TYR A 304 34.34 10.44 -23.65
N MET A 305 35.26 11.38 -23.87
CA MET A 305 36.68 11.07 -23.81
C MET A 305 37.20 10.87 -22.39
N ASP A 306 36.37 11.00 -21.36
CA ASP A 306 36.82 10.62 -20.02
C ASP A 306 36.63 9.13 -19.76
N TRP A 307 35.71 8.47 -20.46
CA TRP A 307 35.56 7.02 -20.37
C TRP A 307 36.28 6.26 -21.48
N TYR A 308 36.48 6.90 -22.64
CA TYR A 308 37.39 6.32 -23.61
C TYR A 308 38.75 6.05 -22.98
N GLU A 309 39.29 7.03 -22.24
CA GLU A 309 40.59 6.85 -21.62
C GLU A 309 40.55 5.95 -20.39
N GLU A 310 39.45 5.96 -19.63
CA GLU A 310 39.35 5.01 -18.52
C GLU A 310 39.18 3.58 -19.04
N GLY A 311 38.39 3.39 -20.10
CA GLY A 311 38.39 2.10 -20.76
C GLY A 311 39.76 1.71 -21.27
N LEU A 312 40.40 2.63 -22.02
CA LEU A 312 41.74 2.40 -22.54
C LEU A 312 42.72 2.02 -21.44
N ASN A 313 42.61 2.66 -20.27
CA ASN A 313 43.59 2.46 -19.21
C ASN A 313 43.50 1.05 -18.62
N GLU A 314 42.27 0.61 -18.31
CA GLU A 314 42.14 -0.73 -17.74
C GLU A 314 42.64 -1.79 -18.69
N ILE A 315 42.54 -1.54 -20.00
CA ILE A 315 42.89 -2.55 -20.98
C ILE A 315 44.39 -2.77 -21.04
N ARG A 316 45.19 -1.78 -20.63
CA ARG A 316 46.64 -1.93 -20.62
C ARG A 316 47.07 -2.68 -19.36
N SER A 317 46.24 -3.61 -18.89
CA SER A 317 46.58 -4.44 -17.75
C SER A 317 46.08 -5.87 -17.94
N MET B 21 -33.18 6.07 30.39
CA MET B 21 -34.53 5.58 30.14
C MET B 21 -34.86 4.37 31.04
N ARG B 22 -33.90 3.94 31.85
CA ARG B 22 -34.11 2.94 32.88
C ARG B 22 -32.88 2.85 33.78
N THR B 23 -33.10 2.72 35.09
CA THR B 23 -32.04 2.62 36.09
C THR B 23 -32.10 1.28 36.81
N TYR B 24 -30.98 0.93 37.46
CA TYR B 24 -30.83 -0.26 38.29
C TYR B 24 -30.13 0.08 39.60
N THR B 25 -30.58 -0.53 40.69
CA THR B 25 -29.84 -0.62 41.93
C THR B 25 -28.98 -1.88 41.93
N PHE B 26 -28.08 -1.94 42.91
CA PHE B 26 -27.23 -3.13 43.02
C PHE B 26 -28.05 -4.37 43.33
N ASP B 27 -29.13 -4.23 44.10
CA ASP B 27 -29.88 -5.42 44.45
C ASP B 27 -30.80 -5.87 43.33
N GLN B 28 -31.31 -4.94 42.52
CA GLN B 28 -32.10 -5.35 41.36
C GLN B 28 -31.26 -6.15 40.40
N VAL B 29 -29.96 -5.81 40.30
CA VAL B 29 -29.03 -6.57 39.47
C VAL B 29 -28.83 -7.97 40.05
N GLU B 30 -28.51 -8.04 41.34
CA GLU B 30 -28.28 -9.32 42.00
C GLU B 30 -29.51 -10.22 41.96
N LYS B 31 -30.70 -9.61 42.02
CA LYS B 31 -31.94 -10.37 41.98
C LYS B 31 -32.17 -10.93 40.59
N ALA B 32 -32.00 -10.07 39.57
CA ALA B 32 -32.18 -10.48 38.18
C ALA B 32 -31.37 -11.73 37.86
N ILE B 33 -30.09 -11.73 38.29
CA ILE B 33 -29.20 -12.87 38.04
C ILE B 33 -29.61 -14.07 38.89
N GLU B 34 -29.87 -13.86 40.18
CA GLU B 34 -30.35 -14.94 41.04
C GLU B 34 -31.55 -15.64 40.44
N GLN B 35 -32.45 -14.89 39.80
CA GLN B 35 -33.70 -15.48 39.34
C GLN B 35 -33.47 -16.48 38.21
N LEU B 36 -32.46 -16.24 37.38
CA LEU B 36 -32.15 -17.13 36.25
C LEU B 36 -31.06 -18.13 36.56
N TYR B 37 -30.15 -17.80 37.49
CA TYR B 37 -28.99 -18.65 37.83
C TYR B 37 -28.96 -18.78 39.34
N PRO B 38 -29.66 -19.76 39.90
CA PRO B 38 -29.79 -19.81 41.37
C PRO B 38 -28.59 -20.38 42.10
N ASP B 39 -27.67 -21.06 41.43
CA ASP B 39 -26.50 -21.61 42.11
C ASP B 39 -25.27 -20.73 41.97
N PHE B 40 -25.41 -19.54 41.39
CA PHE B 40 -24.29 -18.65 41.13
C PHE B 40 -24.29 -17.58 42.21
N THR B 41 -23.43 -17.75 43.22
CA THR B 41 -23.42 -16.80 44.34
C THR B 41 -22.61 -15.57 43.98
N ILE B 42 -23.19 -14.39 44.20
CA ILE B 42 -22.52 -13.13 43.94
C ILE B 42 -21.85 -12.68 45.23
N ASN B 43 -20.52 -12.70 45.26
CA ASN B 43 -19.78 -12.24 46.42
C ASN B 43 -19.52 -10.73 46.34
N THR B 44 -19.07 -10.25 45.18
CA THR B 44 -18.80 -8.83 44.97
C THR B 44 -19.50 -8.32 43.73
N ILE B 45 -19.84 -7.04 43.76
CA ILE B 45 -20.42 -6.34 42.62
C ILE B 45 -20.03 -4.87 42.72
N GLU B 46 -19.52 -4.32 41.64
CA GLU B 46 -19.35 -2.89 41.52
C GLU B 46 -19.59 -2.50 40.07
N ILE B 47 -19.79 -1.21 39.86
CA ILE B 47 -20.04 -0.69 38.53
C ILE B 47 -18.73 -0.57 37.77
N SER B 48 -18.69 -1.13 36.56
CA SER B 48 -17.49 -1.20 35.73
C SER B 48 -17.39 0.02 34.83
N GLY B 49 -18.47 0.34 34.13
CA GLY B 49 -18.56 1.57 33.39
C GLY B 49 -20.00 1.74 33.01
N GLU B 50 -20.28 2.83 32.32
CA GLU B 50 -21.61 3.14 31.85
C GLU B 50 -21.49 3.79 30.48
N GLY B 51 -22.07 3.15 29.46
CA GLY B 51 -22.21 3.71 28.14
C GLY B 51 -23.64 4.12 27.84
N ASN B 52 -23.87 4.41 26.56
CA ASN B 52 -25.18 4.94 26.16
C ASN B 52 -26.26 3.85 26.21
N ASP B 53 -25.90 2.59 26.05
CA ASP B 53 -26.87 1.51 26.01
C ASP B 53 -26.99 0.75 27.31
N CYS B 54 -25.86 0.39 27.91
CA CYS B 54 -25.81 -0.51 29.06
C CYS B 54 -25.01 0.09 30.21
N ILE B 55 -25.31 -0.39 31.42
CA ILE B 55 -24.46 -0.25 32.60
C ILE B 55 -23.75 -1.57 32.78
N ALA B 56 -22.44 -1.51 33.02
CA ALA B 56 -21.60 -2.70 33.15
C ALA B 56 -21.23 -2.89 34.61
N TYR B 57 -21.42 -4.11 35.11
CA TYR B 57 -21.14 -4.49 36.49
C TYR B 57 -20.00 -5.49 36.47
N GLU B 58 -19.01 -5.28 37.33
CA GLU B 58 -17.98 -6.28 37.55
C GLU B 58 -18.39 -7.15 38.73
N ILE B 59 -18.61 -8.45 38.48
CA ILE B 59 -19.12 -9.38 39.47
C ILE B 59 -18.06 -10.42 39.77
N ASN B 60 -17.85 -10.68 41.06
CA ASN B 60 -16.82 -11.61 41.55
C ASN B 60 -15.44 -11.36 40.90
N ARG B 61 -15.21 -10.13 40.41
CA ARG B 61 -13.98 -9.72 39.70
C ARG B 61 -13.74 -10.46 38.38
N ASP B 62 -14.52 -11.52 38.12
CA ASP B 62 -14.26 -12.41 36.98
C ASP B 62 -15.21 -12.21 35.83
N PHE B 63 -16.27 -11.42 35.99
CA PHE B 63 -17.33 -11.33 35.00
C PHE B 63 -17.79 -9.89 34.88
N ILE B 64 -18.21 -9.54 33.67
CA ILE B 64 -18.84 -8.26 33.40
C ILE B 64 -20.27 -8.54 32.94
N PHE B 65 -21.25 -8.14 33.74
CA PHE B 65 -22.65 -8.22 33.34
C PHE B 65 -23.07 -6.86 32.83
N LYS B 66 -23.79 -6.86 31.73
CA LYS B 66 -24.29 -5.63 31.14
C LYS B 66 -25.80 -5.64 31.27
N PHE B 67 -26.35 -4.54 31.80
CA PHE B 67 -27.78 -4.40 31.84
C PHE B 67 -28.22 -3.25 30.93
N PRO B 68 -29.22 -3.47 30.08
CA PRO B 68 -29.65 -2.44 29.13
C PRO B 68 -30.44 -1.33 29.79
N LYS B 69 -30.33 -0.14 29.22
CA LYS B 69 -30.96 1.06 29.78
C LYS B 69 -32.24 1.44 29.04
N HIS B 70 -32.50 0.82 27.88
CA HIS B 70 -33.69 1.11 27.09
C HIS B 70 -33.80 0.05 26.02
N SER B 71 -35.00 -0.09 25.47
CA SER B 71 -35.27 -1.13 24.49
C SER B 71 -34.17 -1.21 23.42
N ARG B 72 -33.69 -0.05 22.95
CA ARG B 72 -32.69 -0.04 21.89
C ARG B 72 -31.42 -0.77 22.32
N GLY B 73 -30.88 -0.39 23.48
CA GLY B 73 -29.66 -1.01 23.97
C GLY B 73 -29.81 -2.47 24.34
N SER B 74 -31.04 -2.92 24.62
CA SER B 74 -31.27 -4.33 24.88
C SER B 74 -31.12 -5.15 23.60
N THR B 75 -31.60 -4.61 22.48
CA THR B 75 -31.44 -5.26 21.18
C THR B 75 -29.98 -5.25 20.75
N ASN B 76 -29.27 -4.12 20.93
CA ASN B 76 -27.84 -4.16 20.64
C ASN B 76 -27.16 -5.15 21.57
N LEU B 77 -27.62 -5.22 22.82
CA LEU B 77 -27.10 -6.26 23.72
C LEU B 77 -27.36 -7.64 23.15
N PHE B 78 -28.60 -7.92 22.72
CA PHE B 78 -28.94 -9.20 22.10
C PHE B 78 -27.98 -9.51 20.96
N ASN B 79 -27.80 -8.55 20.03
CA ASN B 79 -26.95 -8.76 18.86
C ASN B 79 -25.50 -8.92 19.24
N GLU B 80 -25.07 -8.27 20.33
CA GLU B 80 -23.71 -8.48 20.84
C GLU B 80 -23.49 -9.92 21.28
N VAL B 81 -24.43 -10.47 22.05
CA VAL B 81 -24.37 -11.86 22.46
C VAL B 81 -24.24 -12.76 21.23
N ASN B 82 -25.14 -12.57 20.28
CA ASN B 82 -25.14 -13.41 19.09
C ASN B 82 -23.80 -13.30 18.38
N ILE B 83 -23.27 -12.07 18.27
CA ILE B 83 -22.05 -11.90 17.47
C ILE B 83 -20.84 -12.48 18.20
N LEU B 84 -20.73 -12.28 19.51
CA LEU B 84 -19.59 -12.83 20.24
C LEU B 84 -19.63 -14.36 20.24
N LYS B 85 -20.82 -14.95 20.29
CA LYS B 85 -20.91 -16.40 20.28
C LYS B 85 -20.42 -16.96 18.95
N ARG B 86 -20.83 -16.36 17.83
CA ARG B 86 -20.48 -16.97 16.54
C ARG B 86 -19.05 -16.67 16.10
N ILE B 87 -18.41 -15.59 16.57
CA ILE B 87 -17.01 -15.36 16.26
C ILE B 87 -16.08 -15.85 17.36
N HIS B 88 -16.61 -16.45 18.42
CA HIS B 88 -15.84 -17.09 19.48
C HIS B 88 -14.66 -17.88 18.92
N ASN B 89 -13.47 -17.63 19.48
CA ASN B 89 -12.21 -18.27 19.15
C ASN B 89 -11.70 -17.96 17.75
N LYS B 90 -12.25 -16.97 17.06
CA LYS B 90 -11.82 -16.73 15.68
C LYS B 90 -10.77 -15.62 15.53
N LEU B 91 -10.65 -14.72 16.47
CA LEU B 91 -9.77 -13.58 16.29
C LEU B 91 -8.45 -13.80 17.02
N PRO B 92 -7.37 -13.15 16.56
CA PRO B 92 -6.07 -13.33 17.23
C PRO B 92 -5.94 -12.63 18.58
N LEU B 93 -6.93 -11.88 19.04
CA LEU B 93 -6.79 -11.30 20.37
C LEU B 93 -7.96 -11.72 21.25
N PRO B 94 -7.75 -11.80 22.57
CA PRO B 94 -8.87 -12.12 23.48
C PRO B 94 -10.08 -11.18 23.31
N ILE B 95 -11.27 -11.75 23.45
CA ILE B 95 -12.50 -10.96 23.43
C ILE B 95 -13.45 -11.54 24.48
N PRO B 96 -14.52 -10.85 24.83
CA PRO B 96 -15.43 -11.43 25.82
C PRO B 96 -16.11 -12.67 25.24
N GLU B 97 -16.27 -13.66 26.09
CA GLU B 97 -17.10 -14.82 25.81
C GLU B 97 -18.33 -14.80 26.74
N VAL B 98 -19.45 -15.27 26.21
CA VAL B 98 -20.73 -15.13 26.89
C VAL B 98 -20.90 -16.31 27.84
N VAL B 99 -21.17 -16.03 29.10
CA VAL B 99 -21.23 -17.08 30.12
C VAL B 99 -22.64 -17.14 30.67
N PHE B 100 -23.30 -15.98 30.69
CA PHE B 100 -24.66 -15.84 31.20
C PHE B 100 -25.48 -15.04 30.23
N THR B 101 -26.77 -15.32 30.19
CA THR B 101 -27.69 -14.57 29.36
C THR B 101 -28.98 -14.37 30.15
N GLY B 102 -29.61 -13.23 29.90
CA GLY B 102 -30.91 -12.94 30.50
C GLY B 102 -32.03 -13.37 29.57
N MET B 103 -33.22 -12.88 29.89
CA MET B 103 -34.38 -13.34 29.15
C MET B 103 -34.99 -12.21 28.34
N PRO B 104 -35.66 -12.55 27.22
CA PRO B 104 -36.49 -11.56 26.53
C PRO B 104 -37.63 -11.12 27.43
N SER B 105 -38.21 -9.96 27.11
CA SER B 105 -39.20 -9.38 28.01
C SER B 105 -40.04 -8.29 27.34
N GLU B 106 -40.65 -7.45 28.18
CA GLU B 106 -41.24 -6.18 27.81
C GLU B 106 -40.33 -5.39 26.88
N THR B 107 -40.61 -5.41 25.57
CA THR B 107 -39.82 -4.64 24.60
C THR B 107 -38.31 -4.71 24.84
N TYR B 108 -37.85 -5.66 25.64
CA TYR B 108 -36.43 -5.88 25.91
C TYR B 108 -36.07 -7.27 25.41
N GLN B 109 -35.32 -7.33 24.31
CA GLN B 109 -34.96 -8.64 23.76
C GLN B 109 -34.07 -9.43 24.69
N MET B 110 -33.29 -8.74 25.54
CA MET B 110 -32.22 -9.37 26.30
C MET B 110 -32.06 -8.60 27.60
N SER B 111 -32.49 -9.21 28.73
CA SER B 111 -32.58 -8.45 29.98
C SER B 111 -31.22 -8.19 30.61
N PHE B 112 -30.21 -9.04 30.37
CA PHE B 112 -28.81 -8.77 30.74
C PHE B 112 -27.94 -9.79 30.02
N ALA B 113 -26.63 -9.69 30.21
CA ALA B 113 -25.72 -10.74 29.77
C ALA B 113 -24.44 -10.66 30.58
N GLY B 114 -23.87 -11.82 30.90
CA GLY B 114 -22.65 -11.91 31.65
C GLY B 114 -21.54 -12.48 30.77
N PHE B 115 -20.41 -11.78 30.75
CA PHE B 115 -19.27 -12.09 29.90
C PHE B 115 -18.05 -12.33 30.77
N THR B 116 -17.11 -13.12 30.25
CA THR B 116 -15.81 -13.23 30.89
C THR B 116 -15.17 -11.84 30.97
N LYS B 117 -14.56 -11.52 32.10
CA LYS B 117 -13.83 -10.27 32.16
C LYS B 117 -12.51 -10.41 31.41
N ILE B 118 -12.23 -9.46 30.53
CA ILE B 118 -10.91 -9.38 29.90
C ILE B 118 -10.00 -8.44 30.72
N LYS B 119 -8.79 -8.92 31.01
CA LYS B 119 -7.82 -8.19 31.82
C LYS B 119 -7.02 -7.20 30.97
N GLY B 120 -6.47 -6.19 31.64
CA GLY B 120 -5.69 -5.15 31.02
C GLY B 120 -6.31 -3.78 31.25
N VAL B 121 -5.62 -2.78 30.72
CA VAL B 121 -6.02 -1.38 30.87
C VAL B 121 -6.19 -0.78 29.49
N PRO B 122 -7.03 0.25 29.35
CA PRO B 122 -7.21 0.90 28.04
C PRO B 122 -5.90 1.41 27.47
N LEU B 123 -5.70 1.19 26.17
CA LEU B 123 -4.55 1.77 25.47
C LEU B 123 -4.89 3.22 25.13
N THR B 124 -4.74 4.09 26.14
CA THR B 124 -5.04 5.49 25.96
C THR B 124 -4.02 6.11 25.02
N PRO B 125 -4.39 7.21 24.35
CA PRO B 125 -3.39 7.95 23.56
C PRO B 125 -2.17 8.30 24.38
N LEU B 126 -2.40 8.95 25.53
CA LEU B 126 -1.31 9.30 26.43
C LEU B 126 -0.46 8.08 26.77
N LEU B 127 -1.12 6.95 27.04
CA LEU B 127 -0.35 5.76 27.39
C LEU B 127 0.43 5.25 26.18
N LEU B 128 -0.20 5.25 25.00
CA LEU B 128 0.51 4.76 23.81
C LEU B 128 1.71 5.64 23.49
N ASN B 129 1.50 6.96 23.43
CA ASN B 129 2.55 7.87 23.02
C ASN B 129 3.73 7.84 23.99
N ASN B 130 3.54 7.29 25.19
CA ASN B 130 4.60 7.18 26.20
C ASN B 130 5.45 5.92 26.04
N LEU B 131 4.99 4.96 25.23
CA LEU B 131 5.70 3.70 25.08
C LEU B 131 6.95 3.88 24.23
N PRO B 132 7.97 3.04 24.44
CA PRO B 132 9.06 2.96 23.46
C PRO B 132 8.49 2.75 22.07
N LYS B 133 9.11 3.39 21.08
CA LYS B 133 8.48 3.44 19.76
C LYS B 133 8.38 2.07 19.11
N GLN B 134 9.22 1.11 19.52
CA GLN B 134 9.09 -0.24 18.99
C GLN B 134 7.81 -0.93 19.48
N SER B 135 7.36 -0.61 20.69
CA SER B 135 6.06 -1.13 21.11
C SER B 135 4.94 -0.42 20.36
N GLN B 136 5.05 0.90 20.19
CA GLN B 136 4.08 1.61 19.37
C GLN B 136 3.92 0.92 18.03
N ASN B 137 5.05 0.55 17.41
CA ASN B 137 5.05 -0.15 16.13
C ASN B 137 4.41 -1.53 16.24
N GLN B 138 4.75 -2.27 17.28
CA GLN B 138 4.12 -3.56 17.53
C GLN B 138 2.61 -3.42 17.69
N ALA B 139 2.15 -2.40 18.45
CA ALA B 139 0.73 -2.24 18.72
C ALA B 139 -0.05 -1.88 17.48
N ALA B 140 0.56 -1.16 16.53
CA ALA B 140 -0.11 -0.94 15.26
C ALA B 140 -0.14 -2.23 14.42
N LYS B 141 0.86 -3.10 14.56
CA LYS B 141 0.83 -4.39 13.87
C LYS B 141 -0.27 -5.27 14.44
N ASP B 142 -0.37 -5.34 15.77
CA ASP B 142 -1.38 -6.21 16.37
C ASP B 142 -2.78 -5.74 16.02
N LEU B 143 -3.00 -4.42 15.99
CA LEU B 143 -4.31 -3.85 15.62
C LEU B 143 -4.65 -4.08 14.15
N ALA B 144 -3.69 -3.89 13.25
CA ALA B 144 -3.87 -4.27 11.85
C ALA B 144 -4.31 -5.74 11.75
N ARG B 145 -3.51 -6.65 12.31
CA ARG B 145 -3.82 -8.07 12.26
C ARG B 145 -5.18 -8.38 12.86
N PHE B 146 -5.57 -7.65 13.92
CA PHE B 146 -6.86 -7.97 14.54
C PHE B 146 -8.01 -7.56 13.62
N LEU B 147 -7.93 -6.37 13.04
CA LEU B 147 -8.97 -5.96 12.11
C LEU B 147 -8.96 -6.84 10.85
N SER B 148 -7.77 -7.16 10.34
CA SER B 148 -7.70 -8.01 9.14
C SER B 148 -8.51 -9.28 9.35
N GLU B 149 -8.24 -10.02 10.44
CA GLU B 149 -8.98 -11.25 10.71
C GLU B 149 -10.46 -10.98 10.90
N LEU B 150 -10.80 -9.95 11.68
CA LEU B 150 -12.20 -9.61 11.89
C LEU B 150 -12.90 -9.24 10.59
N HIS B 151 -12.24 -8.45 9.74
CA HIS B 151 -12.93 -8.03 8.52
C HIS B 151 -12.93 -9.13 7.44
N SER B 152 -12.31 -10.28 7.71
CA SER B 152 -12.30 -11.38 6.75
C SER B 152 -13.07 -12.59 7.25
N ILE B 153 -13.85 -12.45 8.32
CA ILE B 153 -14.79 -13.48 8.73
C ILE B 153 -15.91 -13.57 7.68
N ASN B 154 -16.17 -14.77 7.19
CA ASN B 154 -17.29 -14.94 6.25
C ASN B 154 -18.61 -14.69 6.97
N ILE B 155 -19.41 -13.80 6.39
CA ILE B 155 -20.63 -13.35 7.02
C ILE B 155 -21.87 -13.96 6.37
N SER B 156 -21.69 -15.02 5.56
CA SER B 156 -22.80 -15.54 4.77
C SER B 156 -24.03 -15.85 5.61
N GLY B 157 -23.85 -16.53 6.74
CA GLY B 157 -25.01 -16.85 7.56
C GLY B 157 -25.56 -15.78 8.49
N PHE B 158 -25.20 -14.50 8.31
CA PHE B 158 -25.70 -13.44 9.18
C PHE B 158 -27.02 -12.90 8.63
N LYS B 159 -28.09 -12.94 9.43
CA LYS B 159 -29.36 -12.36 9.00
C LYS B 159 -29.21 -10.85 8.81
N SER B 160 -30.22 -10.24 8.17
CA SER B 160 -30.17 -8.81 7.85
C SER B 160 -30.31 -7.90 9.06
N ASN B 161 -30.73 -8.41 10.22
CA ASN B 161 -30.79 -7.56 11.40
C ASN B 161 -29.40 -7.21 11.92
N LEU B 162 -28.37 -7.88 11.44
CA LEU B 162 -26.99 -7.56 11.79
C LEU B 162 -26.31 -6.69 10.75
N VAL B 163 -27.02 -6.28 9.71
CA VAL B 163 -26.45 -5.50 8.61
C VAL B 163 -26.93 -4.07 8.73
N LEU B 164 -26.03 -3.14 8.43
CA LEU B 164 -26.36 -1.73 8.37
C LEU B 164 -26.64 -1.34 6.93
N ASP B 165 -27.78 -0.71 6.71
CA ASP B 165 -28.07 -0.03 5.44
C ASP B 165 -27.80 1.44 5.66
N PHE B 166 -26.64 1.91 5.18
CA PHE B 166 -26.24 3.29 5.43
C PHE B 166 -27.16 4.28 4.73
N ARG B 167 -27.63 3.95 3.53
CA ARG B 167 -28.55 4.85 2.84
C ARG B 167 -29.80 5.09 3.67
N GLU B 168 -30.37 4.04 4.26
CA GLU B 168 -31.57 4.23 5.07
C GLU B 168 -31.26 4.82 6.45
N LYS B 169 -30.02 4.76 6.92
CA LYS B 169 -29.74 5.44 8.18
C LYS B 169 -29.62 6.94 7.99
N ILE B 170 -28.96 7.38 6.91
CA ILE B 170 -28.98 8.79 6.54
C ILE B 170 -30.40 9.27 6.28
N ASN B 171 -31.17 8.52 5.48
CA ASN B 171 -32.54 8.91 5.16
C ASN B 171 -33.35 9.13 6.43
N GLU B 172 -33.33 8.16 7.34
CA GLU B 172 -34.09 8.29 8.57
C GLU B 172 -33.56 9.41 9.44
N ASP B 173 -32.27 9.72 9.29
CA ASP B 173 -31.68 10.81 10.06
C ASP B 173 -32.17 12.16 9.54
N ASN B 174 -32.00 12.38 8.23
CA ASN B 174 -32.34 13.68 7.67
C ASN B 174 -33.79 14.07 8.01
N LYS B 175 -34.71 13.10 7.96
CA LYS B 175 -36.09 13.35 8.34
C LYS B 175 -36.20 13.85 9.79
N LYS B 176 -35.65 13.10 10.75
CA LYS B 176 -35.69 13.56 12.14
C LYS B 176 -35.10 14.97 12.28
N ILE B 177 -34.02 15.26 11.53
CA ILE B 177 -33.41 16.59 11.56
C ILE B 177 -34.35 17.62 10.93
N LYS B 178 -35.18 17.17 9.97
CA LYS B 178 -36.22 18.05 9.44
C LYS B 178 -37.22 18.43 10.51
N LYS B 179 -37.76 17.42 11.21
CA LYS B 179 -38.80 17.71 12.20
C LYS B 179 -38.22 18.42 13.42
N LEU B 180 -37.07 17.96 13.91
CA LEU B 180 -36.49 18.52 15.12
C LEU B 180 -36.05 19.97 14.92
N LEU B 181 -35.53 20.28 13.73
CA LEU B 181 -34.85 21.56 13.50
C LEU B 181 -35.68 22.57 12.74
N SER B 182 -36.84 22.17 12.19
CA SER B 182 -37.73 23.17 11.62
C SER B 182 -38.09 24.20 12.67
N ARG B 183 -37.97 23.84 13.94
CA ARG B 183 -38.32 24.73 15.04
C ARG B 183 -37.43 25.98 15.07
N GLU B 184 -36.13 25.84 14.75
CA GLU B 184 -35.24 26.99 14.82
C GLU B 184 -33.94 26.82 14.02
N LEU B 185 -34.06 26.84 12.69
CA LEU B 185 -32.92 26.88 11.77
C LEU B 185 -33.19 27.69 10.52
N LYS B 186 -34.46 27.93 10.17
CA LYS B 186 -34.90 28.10 8.79
C LYS B 186 -34.11 29.14 7.99
N GLY B 187 -34.28 29.10 6.66
CA GLY B 187 -33.59 29.99 5.77
C GLY B 187 -32.58 29.25 4.93
N PRO B 188 -31.47 29.92 4.62
CA PRO B 188 -30.33 29.23 3.99
C PRO B 188 -29.52 28.36 4.95
N GLN B 189 -29.97 28.17 6.18
CA GLN B 189 -29.31 27.24 7.08
C GLN B 189 -29.85 25.83 6.95
N MET B 190 -31.17 25.70 6.74
CA MET B 190 -31.76 24.38 6.57
C MET B 190 -31.56 23.87 5.13
N LYS B 191 -31.63 24.76 4.15
CA LYS B 191 -31.21 24.40 2.80
C LYS B 191 -29.78 23.89 2.80
N LYS B 192 -28.88 24.61 3.46
CA LYS B 192 -27.51 24.14 3.58
C LYS B 192 -27.47 22.74 4.20
N VAL B 193 -28.42 22.44 5.08
CA VAL B 193 -28.50 21.12 5.69
C VAL B 193 -29.05 20.12 4.70
N ASP B 194 -30.10 20.49 3.95
CA ASP B 194 -30.55 19.68 2.83
C ASP B 194 -29.38 19.37 1.89
N ASP B 195 -28.68 20.43 1.47
CA ASP B 195 -27.56 20.26 0.54
C ASP B 195 -26.53 19.28 1.09
N PHE B 196 -26.32 19.26 2.41
CA PHE B 196 -25.33 18.36 2.98
C PHE B 196 -25.82 16.91 2.96
N TYR B 197 -27.08 16.68 3.36
CA TYR B 197 -27.62 15.32 3.31
C TYR B 197 -27.69 14.79 1.87
N ARG B 198 -28.05 15.66 0.91
CA ARG B 198 -28.15 15.22 -0.47
C ARG B 198 -26.77 14.90 -1.04
N ASP B 199 -25.79 15.76 -0.79
CA ASP B 199 -24.45 15.53 -1.34
C ASP B 199 -23.80 14.29 -0.75
N ILE B 200 -24.25 13.84 0.42
CA ILE B 200 -23.80 12.56 0.93
C ILE B 200 -24.34 11.43 0.07
N LEU B 201 -25.65 11.42 -0.17
CA LEU B 201 -26.30 10.30 -0.85
C LEU B 201 -25.79 10.16 -2.28
N GLU B 202 -25.59 11.30 -2.98
CA GLU B 202 -25.07 11.29 -4.36
C GLU B 202 -23.58 10.94 -4.44
N ASN B 203 -22.95 10.46 -3.38
CA ASN B 203 -21.51 10.20 -3.38
C ASN B 203 -21.28 8.70 -3.18
N GLU B 204 -20.75 8.05 -4.21
CA GLU B 204 -20.64 6.60 -4.16
C GLU B 204 -19.71 6.16 -3.04
N ILE B 205 -18.64 6.92 -2.79
CA ILE B 205 -17.58 6.40 -1.94
C ILE B 205 -18.13 5.94 -0.59
N TYR B 206 -19.20 6.59 -0.10
CA TYR B 206 -19.75 6.20 1.19
C TYR B 206 -20.53 4.89 1.13
N PHE B 207 -21.06 4.52 -0.04
CA PHE B 207 -21.93 3.34 -0.14
C PHE B 207 -21.30 2.18 -0.88
N LYS B 208 -20.45 2.47 -1.87
CA LYS B 208 -19.82 1.44 -2.71
C LYS B 208 -18.58 0.91 -1.99
N TYR B 209 -18.83 -0.04 -1.09
CA TYR B 209 -17.79 -0.69 -0.30
C TYR B 209 -18.15 -2.17 -0.21
N TYR B 210 -17.19 -2.97 0.24
CA TYR B 210 -17.39 -4.40 0.38
C TYR B 210 -17.75 -4.72 1.83
N PRO B 211 -19.00 -5.05 2.14
CA PRO B 211 -19.38 -5.22 3.55
C PRO B 211 -18.63 -6.34 4.24
N CYS B 212 -18.30 -6.12 5.52
CA CYS B 212 -17.79 -7.19 6.36
C CYS B 212 -18.19 -6.92 7.82
N LEU B 213 -17.94 -7.91 8.67
CA LEU B 213 -18.19 -7.74 10.09
C LEU B 213 -17.21 -6.71 10.64
N ILE B 214 -17.71 -5.63 11.24
CA ILE B 214 -16.86 -4.56 11.77
C ILE B 214 -17.16 -4.39 13.25
N HIS B 215 -16.12 -4.11 14.02
CA HIS B 215 -16.30 -3.87 15.44
C HIS B 215 -17.21 -2.67 15.67
N ASN B 216 -17.02 -1.61 14.89
CA ASN B 216 -17.92 -0.46 14.83
C ASN B 216 -17.82 0.47 16.05
N ASP B 217 -17.09 0.09 17.10
CA ASP B 217 -16.80 1.08 18.16
C ASP B 217 -15.33 0.98 18.54
N PHE B 218 -14.44 0.87 17.55
CA PHE B 218 -13.05 0.53 17.77
C PHE B 218 -12.27 1.79 18.14
N SER B 219 -12.28 2.12 19.43
CA SER B 219 -11.53 3.30 19.91
C SER B 219 -10.61 2.87 21.03
N SER B 220 -9.82 3.83 21.56
CA SER B 220 -8.76 3.43 22.48
C SER B 220 -9.31 2.94 23.81
N ASP B 221 -10.46 3.42 24.23
CA ASP B 221 -10.95 2.89 25.50
C ASP B 221 -11.30 1.41 25.42
N HIS B 222 -11.51 0.85 24.21
CA HIS B 222 -11.93 -0.54 24.05
C HIS B 222 -10.80 -1.47 23.66
N ILE B 223 -9.58 -0.98 23.65
CA ILE B 223 -8.38 -1.77 23.33
C ILE B 223 -7.63 -1.94 24.65
N LEU B 224 -7.64 -3.16 25.19
CA LEU B 224 -7.00 -3.44 26.47
C LEU B 224 -5.54 -3.80 26.27
N PHE B 225 -4.71 -3.41 27.24
CA PHE B 225 -3.25 -3.39 27.08
C PHE B 225 -2.57 -3.97 28.32
N ASP B 226 -1.48 -4.68 28.10
CA ASP B 226 -0.76 -5.36 29.17
C ASP B 226 0.51 -4.55 29.45
N THR B 227 0.49 -3.80 30.55
CA THR B 227 1.64 -2.95 30.91
C THR B 227 2.88 -3.77 31.21
N GLU B 228 2.74 -4.95 31.81
CA GLU B 228 3.90 -5.77 32.13
C GLU B 228 4.63 -6.23 30.87
N LYS B 229 3.90 -6.87 29.97
CA LYS B 229 4.44 -7.35 28.70
C LYS B 229 4.49 -6.27 27.63
N ASN B 230 3.91 -5.10 27.88
CA ASN B 230 3.87 -3.96 26.95
C ASN B 230 3.34 -4.39 25.57
N THR B 231 2.20 -5.10 25.58
CA THR B 231 1.51 -5.49 24.36
C THR B 231 0.01 -5.44 24.55
N ILE B 232 -0.71 -5.42 23.42
CA ILE B 232 -2.17 -5.41 23.46
C ILE B 232 -2.64 -6.80 23.89
N CYS B 233 -3.50 -6.85 24.89
CA CYS B 233 -3.94 -8.13 25.43
C CYS B 233 -5.45 -8.35 25.32
N GLY B 234 -6.18 -7.54 24.53
CA GLY B 234 -7.60 -7.78 24.32
C GLY B 234 -8.43 -6.67 23.67
N ILE B 235 -9.59 -7.03 23.12
CA ILE B 235 -10.57 -6.09 22.58
C ILE B 235 -11.93 -6.36 23.22
N ILE B 236 -12.70 -5.30 23.48
CA ILE B 236 -13.94 -5.41 24.24
C ILE B 236 -15.00 -4.50 23.61
N ASP B 237 -16.23 -4.59 24.16
CA ASP B 237 -17.38 -3.77 23.83
C ASP B 237 -17.80 -3.90 22.36
N PHE B 238 -18.45 -5.03 22.04
CA PHE B 238 -18.90 -5.35 20.70
C PHE B 238 -20.37 -5.02 20.49
N GLY B 239 -20.95 -4.19 21.35
CA GLY B 239 -22.38 -3.94 21.27
C GLY B 239 -22.84 -3.14 20.06
N ASP B 240 -21.93 -2.48 19.37
CA ASP B 240 -22.27 -1.90 18.09
C ASP B 240 -21.77 -2.74 16.92
N ALA B 241 -21.10 -3.86 17.19
CA ALA B 241 -20.62 -4.75 16.11
C ALA B 241 -21.74 -5.07 15.11
N ALA B 242 -21.41 -5.00 13.83
CA ALA B 242 -22.40 -5.21 12.77
C ALA B 242 -21.62 -5.39 11.47
N ILE B 243 -22.38 -5.72 10.40
CA ILE B 243 -21.84 -5.80 9.06
C ILE B 243 -21.97 -4.44 8.39
N SER B 244 -20.89 -3.99 7.77
CA SER B 244 -20.73 -2.58 7.48
C SER B 244 -19.42 -2.36 6.74
N ASP B 245 -18.96 -1.12 6.73
CA ASP B 245 -17.82 -0.70 5.94
C ASP B 245 -16.54 -0.86 6.77
N PRO B 246 -15.59 -1.69 6.33
CA PRO B 246 -14.36 -1.88 7.12
C PRO B 246 -13.62 -0.60 7.48
N ASP B 247 -13.80 0.47 6.70
CA ASP B 247 -13.12 1.74 6.96
C ASP B 247 -13.56 2.39 8.27
N ASN B 248 -14.72 1.98 8.81
CA ASN B 248 -15.20 2.63 10.00
C ASN B 248 -14.39 2.25 11.23
N ASP B 249 -13.71 1.11 11.18
CA ASP B 249 -12.87 0.68 12.29
C ASP B 249 -11.54 1.41 12.31
N PHE B 250 -11.16 2.08 11.21
CA PHE B 250 -10.01 2.99 11.24
C PHE B 250 -10.44 4.40 11.54
N ILE B 251 -11.63 4.80 11.06
CA ILE B 251 -12.11 6.15 11.34
C ILE B 251 -12.16 6.42 12.85
N SER B 252 -12.59 5.43 13.64
CA SER B 252 -12.84 5.66 15.07
C SER B 252 -11.55 5.86 15.87
N LEU B 253 -10.38 5.59 15.30
CA LEU B 253 -9.13 5.84 15.99
C LEU B 253 -8.42 7.09 15.51
N MET B 254 -8.92 7.75 14.46
CA MET B 254 -8.13 8.82 13.84
C MET B 254 -8.16 10.14 14.59
N GLU B 255 -9.18 10.39 15.40
CA GLU B 255 -9.31 11.65 16.12
C GLU B 255 -7.99 12.01 16.84
N ASP B 256 -7.52 13.23 16.64
CA ASP B 256 -6.32 13.69 17.34
C ASP B 256 -6.65 14.08 18.79
N ASP B 257 -7.79 14.74 19.00
CA ASP B 257 -8.21 15.18 20.33
C ASP B 257 -8.17 14.03 21.35
N GLU B 258 -8.96 12.98 21.09
CA GLU B 258 -9.19 11.95 22.09
C GLU B 258 -8.85 10.53 21.62
N GLU B 259 -8.29 10.35 20.43
CA GLU B 259 -7.80 9.02 20.04
C GLU B 259 -6.37 9.10 19.49
N TYR B 260 -6.01 8.18 18.60
CA TYR B 260 -4.63 8.19 18.09
C TYR B 260 -4.50 9.18 16.94
N GLY B 261 -3.27 9.62 16.67
CA GLY B 261 -3.06 10.46 15.52
C GLY B 261 -3.41 9.77 14.20
N MET B 262 -3.46 10.57 13.13
CA MET B 262 -3.44 10.00 11.79
C MET B 262 -2.10 9.32 11.50
N GLU B 263 -1.02 9.79 12.13
CA GLU B 263 0.28 9.13 11.97
C GLU B 263 0.22 7.68 12.42
N PHE B 264 -0.23 7.45 13.66
CA PHE B 264 -0.33 6.09 14.16
C PHE B 264 -1.35 5.25 13.36
N VAL B 265 -2.45 5.86 12.93
CA VAL B 265 -3.41 5.05 12.20
C VAL B 265 -2.89 4.74 10.80
N SER B 266 -2.10 5.64 10.22
CA SER B 266 -1.45 5.28 8.97
C SER B 266 -0.62 4.00 9.14
N LYS B 267 0.09 3.86 10.26
CA LYS B 267 0.83 2.62 10.49
C LYS B 267 -0.10 1.40 10.46
N ILE B 268 -1.24 1.47 11.16
CA ILE B 268 -2.21 0.38 11.12
C ILE B 268 -2.65 0.10 9.68
N LEU B 269 -2.92 1.18 8.92
CA LEU B 269 -3.48 1.02 7.57
C LEU B 269 -2.49 0.32 6.66
N ASN B 270 -1.20 0.55 6.85
CA ASN B 270 -0.22 -0.06 5.96
C ASN B 270 0.14 -1.47 6.40
N HIS B 271 0.12 -1.78 7.71
CA HIS B 271 0.23 -3.17 8.11
C HIS B 271 -0.95 -3.99 7.60
N TYR B 272 -2.14 -3.37 7.59
CA TYR B 272 -3.38 -3.98 7.12
C TYR B 272 -3.44 -4.14 5.60
N LYS B 273 -2.56 -3.42 4.88
CA LYS B 273 -2.51 -3.44 3.43
C LYS B 273 -3.72 -2.75 2.78
N HIS B 274 -4.28 -1.75 3.44
CA HIS B 274 -5.24 -0.87 2.77
C HIS B 274 -4.57 -0.24 1.55
N LYS B 275 -5.35 -0.10 0.48
CA LYS B 275 -4.87 0.40 -0.81
C LYS B 275 -5.38 1.79 -1.14
N ASP B 276 -6.19 2.40 -0.28
CA ASP B 276 -6.82 3.65 -0.62
C ASP B 276 -7.00 4.45 0.67
N ILE B 277 -5.87 4.90 1.23
CA ILE B 277 -5.92 5.68 2.47
C ILE B 277 -6.65 7.01 2.27
N PRO B 278 -6.38 7.79 1.22
CA PRO B 278 -7.18 9.00 1.01
C PRO B 278 -8.69 8.78 1.21
N THR B 279 -9.24 7.68 0.70
CA THR B 279 -10.65 7.43 0.93
C THR B 279 -10.99 7.34 2.41
N VAL B 280 -10.13 6.71 3.21
CA VAL B 280 -10.39 6.65 4.64
C VAL B 280 -10.44 8.07 5.22
N LEU B 281 -9.56 8.95 4.74
CA LEU B 281 -9.54 10.36 5.16
C LEU B 281 -10.83 11.09 4.75
N GLU B 282 -11.32 10.82 3.53
CA GLU B 282 -12.55 11.44 3.05
C GLU B 282 -13.75 11.00 3.87
N LYS B 283 -13.72 9.76 4.37
CA LYS B 283 -14.79 9.26 5.23
C LYS B 283 -14.64 9.75 6.66
N TYR B 284 -13.42 10.08 7.07
CA TYR B 284 -13.23 10.66 8.40
C TYR B 284 -13.84 12.05 8.48
N ARG B 285 -13.62 12.87 7.45
CA ARG B 285 -14.07 14.26 7.46
C ARG B 285 -15.59 14.33 7.35
N MET B 286 -16.18 13.49 6.49
CA MET B 286 -17.62 13.40 6.44
C MET B 286 -18.20 13.07 7.81
N LYS B 287 -17.68 12.01 8.43
CA LYS B 287 -18.17 11.57 9.71
C LYS B 287 -17.98 12.66 10.76
N GLU B 288 -16.80 13.28 10.78
CA GLU B 288 -16.53 14.37 11.73
C GLU B 288 -17.52 15.51 11.56
N LYS B 289 -17.87 15.84 10.30
CA LYS B 289 -18.92 16.82 10.05
C LYS B 289 -20.31 16.25 10.34
N TYR B 290 -20.52 14.95 10.09
CA TYR B 290 -21.82 14.35 10.36
C TYR B 290 -22.11 14.23 11.86
N TRP B 291 -21.07 14.23 12.71
CA TRP B 291 -21.26 13.99 14.14
C TRP B 291 -22.12 15.08 14.79
N SER B 292 -22.20 16.27 14.18
CA SER B 292 -23.03 17.33 14.75
C SER B 292 -24.51 16.98 14.66
N PHE B 293 -24.94 16.42 13.52
CA PHE B 293 -26.31 15.94 13.40
C PHE B 293 -26.55 14.74 14.31
N GLU B 294 -25.56 13.86 14.48
CA GLU B 294 -25.73 12.75 15.42
C GLU B 294 -26.02 13.25 16.82
N LYS B 295 -25.32 14.30 17.24
CA LYS B 295 -25.59 14.90 18.55
C LYS B 295 -27.05 15.34 18.66
N ILE B 296 -27.57 16.01 17.62
CA ILE B 296 -28.91 16.61 17.70
C ILE B 296 -29.97 15.52 17.91
N ILE B 297 -29.77 14.35 17.32
CA ILE B 297 -30.79 13.29 17.40
C ILE B 297 -30.76 12.63 18.78
N TYR B 298 -29.65 11.98 19.10
CA TYR B 298 -29.54 11.38 20.42
C TYR B 298 -29.70 12.43 21.50
N GLY B 299 -29.40 13.69 21.18
CA GLY B 299 -29.60 14.77 22.14
C GLY B 299 -31.05 14.95 22.53
N LYS B 300 -31.96 14.69 21.60
CA LYS B 300 -33.39 14.69 21.91
C LYS B 300 -33.94 13.29 22.10
N GLU B 301 -33.38 12.29 21.41
CA GLU B 301 -33.81 10.92 21.57
C GLU B 301 -33.64 10.46 23.01
N TYR B 302 -32.41 10.49 23.51
CA TYR B 302 -32.13 10.09 24.88
C TYR B 302 -32.65 11.12 25.88
N GLY B 303 -32.71 12.39 25.49
CA GLY B 303 -33.08 13.46 26.40
C GLY B 303 -31.96 14.38 26.80
N TYR B 304 -30.76 14.19 26.23
CA TYR B 304 -29.59 15.00 26.55
C TYR B 304 -29.82 16.45 26.11
N MET B 305 -30.06 17.35 27.07
CA MET B 305 -30.20 18.76 26.74
C MET B 305 -28.88 19.40 26.30
N ASP B 306 -27.74 18.80 26.69
CA ASP B 306 -26.44 19.36 26.37
C ASP B 306 -26.01 19.03 24.94
N TRP B 307 -26.25 17.79 24.50
CA TRP B 307 -25.83 17.37 23.16
C TRP B 307 -26.65 18.04 22.07
N TYR B 308 -27.91 18.39 22.36
CA TYR B 308 -28.78 19.03 21.39
C TYR B 308 -28.26 20.42 21.01
N GLU B 309 -28.01 21.28 22.01
CA GLU B 309 -27.50 22.62 21.74
C GLU B 309 -26.04 22.59 21.29
N GLU B 310 -25.28 21.60 21.74
CA GLU B 310 -23.90 21.46 21.29
C GLU B 310 -23.83 21.19 19.79
N GLY B 311 -24.65 20.26 19.30
CA GLY B 311 -24.69 20.03 17.86
C GLY B 311 -25.28 21.21 17.12
N LEU B 312 -26.27 21.87 17.72
CA LEU B 312 -26.93 22.99 17.07
C LEU B 312 -25.97 24.17 16.92
N ASN B 313 -25.24 24.51 17.99
CA ASN B 313 -24.20 25.53 17.93
C ASN B 313 -23.26 25.28 16.75
N GLU B 314 -22.73 24.06 16.64
CA GLU B 314 -21.81 23.76 15.55
C GLU B 314 -22.45 23.98 14.18
N ILE B 315 -23.69 23.51 13.98
CA ILE B 315 -24.33 23.69 12.67
C ILE B 315 -24.30 25.16 12.27
N ARG B 316 -24.52 26.05 13.23
CA ARG B 316 -24.56 27.50 12.99
C ARG B 316 -23.13 28.04 12.95
N SER B 317 -22.43 27.73 11.86
CA SER B 317 -21.09 28.26 11.61
C SER B 317 -20.36 27.44 10.55
C1 A1I7W C . 9.77 6.60 -16.23
C2 A1I7W C . 8.53 6.17 -16.59
C3 A1I7W C . 8.42 6.51 -14.41
C4 A1I7W C . 8.83 7.01 -12.25
C5 A1I7W C . 10.14 7.34 -12.53
C6 A1I7W C . 10.60 7.24 -13.84
N A1I7W C . 7.71 6.11 -15.50
C A1I7W C . 10.94 6.87 -17.13
O A1I7W C . 11.93 5.88 -17.16
C7 A1I7W C . 9.73 6.81 -14.81
N1 A1I7W C . 7.95 6.60 -13.17
C1 A1I7W D . -16.59 -6.77 28.72
C2 A1I7W D . -16.12 -8.05 28.73
C3 A1I7W D . -14.58 -6.85 29.78
C4 A1I7W D . -13.34 -5.22 30.74
C5 A1I7W D . -14.27 -4.26 30.40
C6 A1I7W D . -15.42 -4.63 29.70
N A1I7W D . -14.92 -8.11 29.37
C A1I7W D . -17.91 -6.29 28.16
O A1I7W D . -17.93 -4.92 27.76
C7 A1I7W D . -15.59 -5.96 29.38
N1 A1I7W D . -13.45 -6.53 30.44
S DMS E . -25.69 -11.05 3.83
O DMS E . -26.48 -12.32 3.95
C1 DMS E . -26.80 -9.68 4.27
C2 DMS E . -24.54 -10.98 5.22
H11 DMS E . -27.19 -9.84 5.25
H12 DMS E . -27.60 -9.63 3.58
H13 DMS E . -26.26 -8.77 4.25
H21 DMS E . -23.99 -11.89 5.27
H22 DMS E . -25.07 -10.86 6.13
H23 DMS E . -23.87 -10.18 5.10
#